data_4D26
#
_entry.id   4D26
#
_cell.length_a   52.960
_cell.length_b   77.810
_cell.length_c   107.300
_cell.angle_alpha   90.00
_cell.angle_beta   90.00
_cell.angle_gamma   90.00
#
_symmetry.space_group_name_H-M   'P 21 21 21'
#
loop_
_entity.id
_entity.type
_entity.pdbx_description
1 polymer 'BMVLG PROTEIN'
2 polymer "5'-R(*UP*GP*AP*CP*AP*UP)-3'"
3 non-polymer "ADENOSINE-5'-DIPHOSPHATE"
4 non-polymer 'PHOSPHATE ION'
5 non-polymer 'MAGNESIUM ION'
6 water water
#
loop_
_entity_poly.entity_id
_entity_poly.type
_entity_poly.pdbx_seq_one_letter_code
_entity_poly.pdbx_strand_id
1 'polypeptide(L)'
;GAMGVTYVPPEPTNDETEIFSSTISSGINFDKFDHIAVKVSGENPPRPIESFETANLRKYVLDNVLKAGYRKPTPIQKNA
IPIIMSGRDLMGCAQTGSGKTAAFLVPIINMLLQDPKDLISENGCAQPQVIIVSPTRELTLQIFNEARKFSYGSVLKVAV
AYGGTAVRHQGDNIARGCHILVATPGRLHDFVERNRVSFGSVRFVVLDQADCMLDMGFMPSIEKMMLHPTMVETTKRQTL
MFSATFPEDIQHLAGRFLNNYLFVAVGIVGGASTDVEQIFIEVTKYEKRNSLKQLIEENDGKRILVFVETKRNADFIAAM
LSEQQLLTSSIHGDRMQREREEALQNFKSGKHCILVATAVAARGLDIKNVDIVVNYDLPKSIDEYVHRIGRTGRVGNRGK
AVSFYDSDQDLALVADLSKILRQADQSVPDFLKG
;
A
2 'polyribonucleotide' UGACAU D
#
loop_
_chem_comp.id
_chem_comp.type
_chem_comp.name
_chem_comp.formula
A RNA linking ADENOSINE-5'-MONOPHOSPHATE 'C10 H14 N5 O7 P'
ADP non-polymer ADENOSINE-5'-DIPHOSPHATE 'C10 H15 N5 O10 P2'
C RNA linking CYTIDINE-5'-MONOPHOSPHATE 'C9 H14 N3 O8 P'
G RNA linking GUANOSINE-5'-MONOPHOSPHATE 'C10 H14 N5 O8 P'
MG non-polymer 'MAGNESIUM ION' 'Mg 2'
PO4 non-polymer 'PHOSPHATE ION' 'O4 P -3'
U RNA linking URIDINE-5'-MONOPHOSPHATE 'C9 H13 N2 O9 P'
#
# COMPACT_ATOMS: atom_id res chain seq x y z
N GLY A 4 7.73 -8.50 25.57
CA GLY A 4 6.31 -8.26 25.98
C GLY A 4 5.52 -7.60 24.87
N VAL A 5 4.35 -8.16 24.56
CA VAL A 5 3.46 -7.57 23.57
C VAL A 5 2.06 -7.45 24.18
N THR A 6 1.71 -6.25 24.63
CA THR A 6 0.45 -6.00 25.35
C THR A 6 -0.31 -4.78 24.79
N TYR A 7 0.22 -4.16 23.75
CA TYR A 7 -0.39 -2.97 23.20
C TYR A 7 -1.79 -3.26 22.65
N VAL A 8 -2.79 -2.54 23.15
CA VAL A 8 -4.13 -2.60 22.61
C VAL A 8 -4.30 -1.29 21.86
N PRO A 9 -4.29 -1.33 20.52
CA PRO A 9 -4.42 -0.06 19.80
C PRO A 9 -5.75 0.59 20.10
N PRO A 10 -5.83 1.93 19.98
CA PRO A 10 -7.15 2.55 20.19
C PRO A 10 -8.15 2.02 19.17
N GLU A 11 -9.42 2.01 19.56
CA GLU A 11 -10.49 1.47 18.74
C GLU A 11 -10.67 2.38 17.53
N PRO A 12 -11.00 1.82 16.36
CA PRO A 12 -11.14 2.67 15.18
C PRO A 12 -12.35 3.61 15.29
N THR A 13 -12.15 4.84 14.87
CA THR A 13 -13.21 5.85 14.94
C THR A 13 -14.49 5.33 14.32
N ASN A 14 -15.62 5.57 15.00
CA ASN A 14 -16.93 5.35 14.38
C ASN A 14 -17.62 6.68 14.04
N ASP A 15 -16.80 7.74 13.93
CA ASP A 15 -17.22 9.04 13.41
C ASP A 15 -17.23 8.97 11.87
N GLU A 16 -18.43 9.05 11.31
CA GLU A 16 -18.62 8.98 9.86
C GLU A 16 -17.70 9.93 9.11
N THR A 17 -17.78 11.22 9.43
CA THR A 17 -16.94 12.23 8.76
C THR A 17 -15.46 11.84 8.81
N GLU A 18 -15.00 11.47 10.00
CA GLU A 18 -13.60 11.12 10.19
C GLU A 18 -13.21 9.87 9.39
N ILE A 19 -14.12 8.90 9.28
CA ILE A 19 -13.88 7.73 8.44
C ILE A 19 -13.68 8.10 6.98
N PHE A 20 -14.49 9.02 6.46
CA PHE A 20 -14.43 9.38 5.03
C PHE A 20 -13.35 10.43 4.70
N SER A 21 -12.99 11.24 5.69
CA SER A 21 -11.98 12.29 5.51
C SER A 21 -10.57 11.73 5.36
N SER A 22 -10.43 10.42 5.57
CA SER A 22 -9.15 9.73 5.49
C SER A 22 -8.75 9.52 4.03
N THR A 23 -8.48 10.62 3.33
CA THR A 23 -8.32 10.59 1.88
C THR A 23 -7.43 11.74 1.42
N ILE A 24 -6.76 11.55 0.30
CA ILE A 24 -6.02 12.66 -0.32
C ILE A 24 -6.91 13.22 -1.40
N SER A 25 -7.23 14.50 -1.31
CA SER A 25 -8.07 15.13 -2.32
C SER A 25 -7.31 15.17 -3.64
N SER A 26 -8.03 14.99 -4.75
CA SER A 26 -7.42 14.93 -6.07
C SER A 26 -6.78 16.27 -6.40
N GLY A 27 -5.75 16.24 -7.24
CA GLY A 27 -4.93 17.40 -7.50
C GLY A 27 -5.00 17.86 -8.94
N ILE A 28 -4.12 18.81 -9.27
CA ILE A 28 -4.16 19.48 -10.56
C ILE A 28 -4.05 18.51 -11.75
N ASN A 29 -3.25 17.45 -11.60
CA ASN A 29 -3.02 16.54 -12.72
C ASN A 29 -3.85 15.26 -12.70
N PHE A 30 -4.91 15.21 -11.88
CA PHE A 30 -5.78 14.04 -11.80
C PHE A 30 -6.40 13.70 -13.16
N ASP A 31 -6.79 14.72 -13.90
CA ASP A 31 -7.32 14.52 -15.25
C ASP A 31 -6.29 13.99 -16.28
N LYS A 32 -5.00 14.11 -15.99
CA LYS A 32 -3.94 13.57 -16.88
C LYS A 32 -3.84 12.06 -16.83
N PHE A 33 -4.46 11.46 -15.81
CA PHE A 33 -4.59 10.00 -15.74
C PHE A 33 -5.30 9.46 -16.97
N ASP A 34 -6.13 10.28 -17.61
CA ASP A 34 -6.82 9.86 -18.83
C ASP A 34 -5.87 9.65 -19.99
N HIS A 35 -4.64 10.16 -19.90
CA HIS A 35 -3.69 10.15 -21.01
C HIS A 35 -2.67 9.03 -20.91
N ILE A 36 -2.88 8.10 -19.98
CA ILE A 36 -1.98 7.00 -19.76
C ILE A 36 -2.46 5.80 -20.57
N ALA A 37 -1.54 5.18 -21.33
CA ALA A 37 -1.87 4.00 -22.13
C ALA A 37 -2.10 2.77 -21.26
N VAL A 38 -3.25 2.11 -21.46
CA VAL A 38 -3.65 0.92 -20.70
C VAL A 38 -3.46 -0.34 -21.54
N LYS A 39 -2.64 -1.26 -21.05
CA LYS A 39 -2.43 -2.56 -21.69
C LYS A 39 -3.15 -3.62 -20.86
N VAL A 40 -4.11 -4.29 -21.49
CA VAL A 40 -4.83 -5.40 -20.87
C VAL A 40 -4.49 -6.67 -21.62
N SER A 41 -4.01 -7.69 -20.92
CA SER A 41 -3.69 -8.96 -21.56
C SER A 41 -4.28 -10.15 -20.80
N GLY A 42 -4.62 -11.19 -21.54
CA GLY A 42 -5.31 -12.36 -21.00
C GLY A 42 -6.57 -12.63 -21.80
N GLU A 43 -7.21 -13.76 -21.54
CA GLU A 43 -8.41 -14.16 -22.30
C GLU A 43 -9.66 -13.34 -21.97
N ASN A 44 -10.35 -12.90 -23.01
CA ASN A 44 -11.68 -12.28 -22.91
C ASN A 44 -11.85 -11.23 -21.82
N PRO A 45 -11.04 -10.17 -21.86
CA PRO A 45 -11.20 -9.10 -20.89
C PRO A 45 -12.56 -8.43 -21.02
N PRO A 46 -13.27 -8.21 -19.90
CA PRO A 46 -14.53 -7.46 -20.00
C PRO A 46 -14.20 -5.99 -20.24
N ARG A 47 -15.10 -5.28 -20.93
CA ARG A 47 -14.87 -3.88 -21.21
C ARG A 47 -14.70 -3.08 -19.91
N PRO A 48 -13.87 -2.03 -19.92
CA PRO A 48 -13.78 -1.16 -18.77
C PRO A 48 -15.06 -0.33 -18.58
N ILE A 49 -15.31 0.10 -17.35
CA ILE A 49 -16.43 0.99 -17.06
C ILE A 49 -16.04 2.44 -17.33
N GLU A 50 -17.04 3.28 -17.58
CA GLU A 50 -16.83 4.68 -17.97
C GLU A 50 -16.92 5.63 -16.79
N SER A 51 -17.70 5.27 -15.78
CA SER A 51 -17.85 6.09 -14.57
C SER A 51 -18.34 5.24 -13.41
N PHE A 52 -18.22 5.78 -12.19
CA PHE A 52 -18.76 5.10 -11.01
C PHE A 52 -20.28 4.91 -11.13
N GLU A 53 -20.95 5.83 -11.82
CA GLU A 53 -22.40 5.75 -12.03
C GLU A 53 -22.81 4.65 -13.01
N THR A 54 -21.90 4.25 -13.90
CA THR A 54 -22.18 3.22 -14.89
C THR A 54 -21.42 1.92 -14.61
N ALA A 55 -21.19 1.63 -13.34
CA ALA A 55 -20.39 0.46 -12.96
C ALA A 55 -21.26 -0.64 -12.33
N ASN A 56 -22.57 -0.55 -12.50
CA ASN A 56 -23.52 -1.53 -11.96
C ASN A 56 -23.24 -1.87 -10.48
N LEU A 57 -22.92 -0.82 -9.71
CA LEU A 57 -22.71 -0.95 -8.27
C LEU A 57 -24.05 -0.76 -7.55
N ARG A 58 -24.13 -1.28 -6.33
CA ARG A 58 -25.32 -1.12 -5.49
C ARG A 58 -25.46 0.34 -5.05
N LYS A 59 -26.68 0.78 -4.83
CA LYS A 59 -26.92 2.18 -4.49
C LYS A 59 -26.06 2.63 -3.32
N TYR A 60 -26.03 1.85 -2.24
CA TYR A 60 -25.32 2.26 -1.03
C TYR A 60 -23.78 2.23 -1.18
N VAL A 61 -23.27 1.30 -1.98
CA VAL A 61 -21.83 1.22 -2.25
C VAL A 61 -21.40 2.42 -3.09
N LEU A 62 -22.19 2.75 -4.10
CA LEU A 62 -21.96 3.94 -4.91
C LEU A 62 -22.00 5.20 -4.02
N ASP A 63 -22.99 5.27 -3.12
CA ASP A 63 -23.12 6.44 -2.25
C ASP A 63 -21.93 6.60 -1.30
N ASN A 64 -21.29 5.49 -0.95
CA ASN A 64 -20.06 5.51 -0.13
C ASN A 64 -18.82 5.99 -0.89
N VAL A 65 -18.70 5.55 -2.13
CA VAL A 65 -17.69 6.06 -3.05
C VAL A 65 -17.83 7.58 -3.19
N LEU A 66 -19.07 8.05 -3.31
CA LEU A 66 -19.37 9.47 -3.42
C LEU A 66 -19.18 10.21 -2.09
N LYS A 67 -19.49 9.55 -0.97
CA LYS A 67 -19.16 10.06 0.36
C LYS A 67 -17.65 10.18 0.58
N ALA A 68 -16.88 9.25 0.02
CA ALA A 68 -15.41 9.28 0.09
C ALA A 68 -14.81 10.53 -0.56
N GLY A 69 -15.57 11.19 -1.43
CA GLY A 69 -15.12 12.39 -2.12
C GLY A 69 -14.87 12.14 -3.58
N TYR A 70 -14.86 10.87 -3.99
CA TYR A 70 -14.47 10.52 -5.36
C TYR A 70 -15.60 10.90 -6.32
N ARG A 71 -15.24 11.50 -7.45
CA ARG A 71 -16.19 11.82 -8.51
C ARG A 71 -15.95 11.02 -9.79
N LYS A 72 -14.73 10.55 -10.01
CA LYS A 72 -14.38 9.87 -11.24
C LYS A 72 -13.34 8.76 -11.00
N PRO A 73 -13.56 7.58 -11.60
CA PRO A 73 -12.61 6.49 -11.39
C PRO A 73 -11.26 6.73 -12.06
N THR A 74 -10.21 6.23 -11.42
CA THR A 74 -8.88 6.25 -12.01
C THR A 74 -8.80 5.12 -13.05
N PRO A 75 -7.73 5.12 -13.88
CA PRO A 75 -7.58 4.05 -14.87
C PRO A 75 -7.58 2.64 -14.29
N ILE A 76 -6.89 2.42 -13.18
CA ILE A 76 -6.87 1.07 -12.60
C ILE A 76 -8.27 0.64 -12.16
N GLN A 77 -9.04 1.58 -11.63
CA GLN A 77 -10.41 1.34 -11.19
C GLN A 77 -11.38 1.11 -12.35
N LYS A 78 -11.23 1.90 -13.41
CA LYS A 78 -12.05 1.69 -14.61
C LYS A 78 -11.95 0.27 -15.12
N ASN A 79 -10.78 -0.34 -15.00
CA ASN A 79 -10.55 -1.69 -15.49
C ASN A 79 -10.80 -2.80 -14.45
N ALA A 80 -10.19 -2.67 -13.28
CA ALA A 80 -10.25 -3.74 -12.29
C ALA A 80 -11.66 -3.99 -11.77
N ILE A 81 -12.48 -2.94 -11.71
CA ILE A 81 -13.82 -3.08 -11.14
C ILE A 81 -14.69 -4.07 -11.93
N PRO A 82 -14.89 -3.84 -13.25
CA PRO A 82 -15.68 -4.83 -14.01
C PRO A 82 -15.01 -6.21 -14.09
N ILE A 83 -13.68 -6.24 -14.09
CA ILE A 83 -12.95 -7.50 -14.10
C ILE A 83 -13.26 -8.34 -12.86
N ILE A 84 -13.26 -7.68 -11.70
CA ILE A 84 -13.45 -8.36 -10.43
C ILE A 84 -14.90 -8.82 -10.28
N MET A 85 -15.84 -7.98 -10.73
CA MET A 85 -17.25 -8.30 -10.64
C MET A 85 -17.69 -9.39 -11.62
N SER A 86 -16.97 -9.56 -12.73
CA SER A 86 -17.16 -10.70 -13.62
C SER A 86 -16.68 -12.03 -13.03
N GLY A 87 -15.89 -11.98 -11.95
CA GLY A 87 -15.45 -13.17 -11.25
C GLY A 87 -14.02 -13.60 -11.57
N ARG A 88 -13.31 -12.78 -12.34
CA ARG A 88 -12.01 -13.18 -12.87
C ARG A 88 -10.88 -12.82 -11.91
N ASP A 89 -9.75 -13.51 -12.06
CA ASP A 89 -8.52 -13.19 -11.36
C ASP A 89 -7.82 -12.03 -12.04
N LEU A 90 -6.98 -11.34 -11.28
CA LEU A 90 -6.45 -10.09 -11.76
C LEU A 90 -5.09 -9.77 -11.18
N MET A 91 -4.15 -9.43 -12.06
CA MET A 91 -2.90 -8.83 -11.69
C MET A 91 -3.02 -7.36 -12.12
N GLY A 92 -2.97 -6.45 -11.16
CA GLY A 92 -3.18 -5.03 -11.41
C GLY A 92 -1.95 -4.19 -11.11
N CYS A 93 -1.36 -3.63 -12.17
CA CYS A 93 -0.22 -2.74 -12.01
CA CYS A 93 -0.21 -2.74 -12.04
C CYS A 93 -0.60 -1.32 -12.45
N ALA A 94 -0.29 -0.36 -11.59
CA ALA A 94 -0.63 1.00 -11.83
C ALA A 94 0.25 1.85 -10.92
N GLN A 95 0.57 3.06 -11.35
CA GLN A 95 1.51 3.87 -10.57
C GLN A 95 1.00 4.19 -9.17
N THR A 96 1.95 4.63 -8.34
CA THR A 96 1.67 4.98 -6.97
C THR A 96 0.76 6.19 -6.90
N GLY A 97 -0.14 6.16 -5.94
CA GLY A 97 -1.08 7.25 -5.69
C GLY A 97 -2.16 7.41 -6.74
N SER A 98 -2.62 6.29 -7.31
CA SER A 98 -3.64 6.31 -8.37
C SER A 98 -4.84 5.42 -8.08
N GLY A 99 -4.96 4.95 -6.83
CA GLY A 99 -6.22 4.37 -6.36
C GLY A 99 -6.37 2.87 -6.47
N LYS A 100 -5.26 2.12 -6.38
CA LYS A 100 -5.34 0.66 -6.41
C LYS A 100 -6.20 0.04 -5.29
N THR A 101 -6.18 0.60 -4.10
CA THR A 101 -6.91 0.01 -2.95
C THR A 101 -8.41 -0.12 -3.23
N ALA A 102 -9.04 1.00 -3.61
CA ALA A 102 -10.46 1.02 -3.98
C ALA A 102 -10.75 0.13 -5.17
N ALA A 103 -9.79 -0.01 -6.08
CA ALA A 103 -9.92 -0.92 -7.22
C ALA A 103 -10.31 -2.34 -6.79
N PHE A 104 -9.81 -2.80 -5.64
CA PHE A 104 -10.26 -4.10 -5.15
C PHE A 104 -11.34 -4.01 -4.07
N LEU A 105 -11.29 -3.01 -3.19
CA LEU A 105 -12.29 -2.94 -2.13
C LEU A 105 -13.71 -2.79 -2.66
N VAL A 106 -13.94 -1.76 -3.47
CA VAL A 106 -15.28 -1.41 -3.92
C VAL A 106 -16.04 -2.58 -4.55
N PRO A 107 -15.44 -3.27 -5.56
CA PRO A 107 -16.14 -4.41 -6.18
C PRO A 107 -16.31 -5.63 -5.26
N ILE A 108 -15.30 -5.93 -4.45
CA ILE A 108 -15.38 -7.05 -3.50
C ILE A 108 -16.49 -6.80 -2.49
N ILE A 109 -16.55 -5.59 -1.97
CA ILE A 109 -17.60 -5.18 -1.05
C ILE A 109 -18.96 -5.31 -1.73
N ASN A 110 -19.01 -4.95 -3.01
CA ASN A 110 -20.24 -5.07 -3.78
C ASN A 110 -20.69 -6.51 -3.90
N MET A 111 -19.78 -7.39 -4.32
CA MET A 111 -20.10 -8.81 -4.50
C MET A 111 -20.39 -9.51 -3.17
N LEU A 112 -19.75 -9.07 -2.08
CA LEU A 112 -20.07 -9.60 -0.76
C LEU A 112 -21.53 -9.30 -0.37
N LEU A 113 -22.04 -8.13 -0.76
CA LEU A 113 -23.39 -7.73 -0.41
C LEU A 113 -24.41 -8.26 -1.41
N GLN A 114 -24.12 -8.12 -2.70
CA GLN A 114 -24.99 -8.60 -3.79
C GLN A 114 -25.15 -10.13 -3.85
N ASP A 115 -24.10 -10.85 -3.43
CA ASP A 115 -24.10 -12.32 -3.45
C ASP A 115 -23.75 -12.84 -2.05
N PRO A 116 -24.65 -12.61 -1.08
CA PRO A 116 -24.32 -12.81 0.34
C PRO A 116 -24.20 -14.28 0.75
N LYS A 117 -23.28 -14.54 1.69
CA LYS A 117 -23.18 -15.84 2.36
C LYS A 117 -23.18 -15.60 3.86
N ASP A 118 -23.85 -16.48 4.59
CA ASP A 118 -23.86 -16.40 6.05
C ASP A 118 -22.45 -16.65 6.58
N LEU A 119 -22.03 -15.84 7.55
CA LEU A 119 -20.74 -16.03 8.18
C LEU A 119 -20.68 -17.38 8.88
N ILE A 120 -19.47 -17.94 8.95
CA ILE A 120 -19.23 -19.12 9.76
C ILE A 120 -18.12 -18.79 10.73
N SER A 121 -18.43 -18.97 12.02
CA SER A 121 -17.42 -19.01 13.07
C SER A 121 -17.83 -20.19 13.93
N GLU A 122 -17.08 -21.28 13.83
CA GLU A 122 -17.46 -22.53 14.48
C GLU A 122 -16.33 -23.04 15.35
N ASN A 123 -16.62 -23.24 16.64
CA ASN A 123 -15.65 -23.76 17.59
C ASN A 123 -14.54 -22.72 17.83
N GLY A 124 -14.90 -21.44 17.81
CA GLY A 124 -13.95 -20.34 17.93
C GLY A 124 -13.15 -20.00 16.67
N CYS A 125 -13.33 -20.79 15.62
CA CYS A 125 -12.53 -20.67 14.41
C CYS A 125 -13.32 -19.90 13.34
N ALA A 126 -12.93 -18.65 13.11
CA ALA A 126 -13.59 -17.80 12.12
C ALA A 126 -13.17 -18.21 10.71
N GLN A 127 -14.10 -18.08 9.76
CA GLN A 127 -13.84 -18.38 8.36
C GLN A 127 -14.12 -17.16 7.51
N PRO A 128 -13.13 -16.26 7.37
CA PRO A 128 -13.31 -15.04 6.59
C PRO A 128 -13.58 -15.30 5.11
N GLN A 129 -14.35 -14.43 4.49
CA GLN A 129 -14.70 -14.56 3.07
C GLN A 129 -13.69 -13.82 2.20
N VAL A 130 -12.87 -12.97 2.84
CA VAL A 130 -11.85 -12.20 2.14
C VAL A 130 -10.61 -12.15 3.02
N ILE A 131 -9.46 -12.51 2.46
CA ILE A 131 -8.19 -12.25 3.12
C ILE A 131 -7.43 -11.23 2.30
N ILE A 132 -7.00 -10.15 2.95
CA ILE A 132 -6.15 -9.15 2.33
C ILE A 132 -4.84 -9.12 3.09
N VAL A 133 -3.72 -9.38 2.41
CA VAL A 133 -2.41 -9.29 3.06
C VAL A 133 -1.56 -8.20 2.44
N SER A 134 -0.74 -7.58 3.28
CA SER A 134 0.12 -6.48 2.88
C SER A 134 1.41 -6.65 3.68
N PRO A 135 2.52 -6.08 3.20
CA PRO A 135 3.81 -6.40 3.80
C PRO A 135 4.17 -5.70 5.11
N THR A 136 3.34 -4.76 5.58
CA THR A 136 3.67 -4.03 6.80
C THR A 136 2.43 -3.73 7.64
N ARG A 137 2.67 -3.52 8.92
CA ARG A 137 1.62 -3.37 9.91
C ARG A 137 0.81 -2.11 9.69
N GLU A 138 1.47 -1.01 9.36
CA GLU A 138 0.73 0.26 9.23
C GLU A 138 -0.05 0.29 7.92
N LEU A 139 0.36 -0.51 6.94
CA LEU A 139 -0.34 -0.57 5.65
C LEU A 139 -1.58 -1.43 5.78
N THR A 140 -1.43 -2.54 6.50
CA THR A 140 -2.56 -3.36 6.88
C THR A 140 -3.64 -2.55 7.60
N LEU A 141 -3.24 -1.71 8.56
CA LEU A 141 -4.22 -0.90 9.31
C LEU A 141 -4.89 0.13 8.40
N GLN A 142 -4.09 0.78 7.56
CA GLN A 142 -4.61 1.65 6.53
C GLN A 142 -5.66 0.99 5.62
N ILE A 143 -5.35 -0.20 5.14
CA ILE A 143 -6.26 -0.93 4.28
C ILE A 143 -7.54 -1.29 5.03
N PHE A 144 -7.37 -1.66 6.29
CA PHE A 144 -8.51 -1.93 7.18
C PHE A 144 -9.44 -0.73 7.29
N ASN A 145 -8.85 0.46 7.46
CA ASN A 145 -9.67 1.67 7.58
C ASN A 145 -10.37 2.07 6.28
N GLU A 146 -9.73 1.77 5.14
CA GLU A 146 -10.35 1.97 3.84
C GLU A 146 -11.51 1.00 3.59
N ALA A 147 -11.37 -0.24 4.04
CA ALA A 147 -12.46 -1.22 3.92
C ALA A 147 -13.70 -0.80 4.72
N ARG A 148 -13.48 -0.19 5.88
CA ARG A 148 -14.58 0.30 6.71
C ARG A 148 -15.28 1.50 6.08
N LYS A 149 -14.47 2.32 5.41
CA LYS A 149 -14.97 3.46 4.67
C LYS A 149 -15.98 3.01 3.62
N PHE A 150 -15.56 2.12 2.72
CA PHE A 150 -16.41 1.69 1.61
C PHE A 150 -17.52 0.72 2.00
N SER A 151 -17.38 0.06 3.15
CA SER A 151 -18.42 -0.84 3.67
C SER A 151 -19.25 -0.19 4.77
N TYR A 152 -19.03 1.11 5.02
CA TYR A 152 -19.77 1.83 6.06
C TYR A 152 -21.27 1.72 5.87
N GLY A 153 -22.00 1.53 6.97
CA GLY A 153 -23.45 1.44 6.93
C GLY A 153 -23.98 0.12 6.42
N SER A 154 -23.10 -0.84 6.13
CA SER A 154 -23.52 -2.15 5.66
C SER A 154 -23.39 -3.15 6.79
N VAL A 155 -23.83 -4.38 6.56
CA VAL A 155 -23.74 -5.45 7.56
C VAL A 155 -22.41 -6.19 7.53
N LEU A 156 -21.45 -5.72 6.72
CA LEU A 156 -20.16 -6.36 6.67
C LEU A 156 -19.36 -6.09 7.95
N LYS A 157 -18.54 -7.07 8.30
CA LYS A 157 -17.70 -7.01 9.49
C LYS A 157 -16.29 -7.18 9.01
N VAL A 158 -15.46 -6.18 9.29
CA VAL A 158 -14.07 -6.20 8.91
C VAL A 158 -13.26 -6.33 10.19
N ALA A 159 -12.24 -7.18 10.13
CA ALA A 159 -11.31 -7.33 11.23
C ALA A 159 -9.89 -7.14 10.71
N VAL A 160 -8.98 -6.87 11.63
CA VAL A 160 -7.58 -6.63 11.32
C VAL A 160 -6.73 -7.62 12.11
N ALA A 161 -5.53 -7.93 11.61
CA ALA A 161 -4.60 -8.79 12.34
C ALA A 161 -3.16 -8.44 12.01
N TYR A 162 -2.45 -7.92 12.99
CA TYR A 162 -1.06 -7.55 12.82
C TYR A 162 -0.28 -7.56 14.11
N GLY A 163 1.02 -7.78 13.96
CA GLY A 163 1.96 -7.92 15.06
C GLY A 163 2.16 -6.68 15.91
N GLY A 164 2.74 -6.91 17.09
CA GLY A 164 3.03 -5.86 18.04
C GLY A 164 1.77 -5.47 18.79
N THR A 165 0.67 -6.16 18.54
CA THR A 165 -0.55 -5.96 19.31
C THR A 165 -0.79 -7.15 20.21
N ALA A 166 -1.50 -6.93 21.31
CA ALA A 166 -1.96 -8.01 22.16
C ALA A 166 -2.76 -9.04 21.35
N VAL A 167 -2.26 -10.27 21.34
CA VAL A 167 -2.76 -11.34 20.51
C VAL A 167 -4.21 -11.62 20.86
N ARG A 168 -4.53 -11.61 22.16
CA ARG A 168 -5.88 -11.93 22.61
C ARG A 168 -6.93 -10.88 22.18
N HIS A 169 -6.55 -9.60 22.19
CA HIS A 169 -7.46 -8.53 21.79
C HIS A 169 -7.89 -8.77 20.34
N GLN A 170 -6.92 -8.97 19.45
CA GLN A 170 -7.24 -9.22 18.04
C GLN A 170 -7.94 -10.56 17.87
N GLY A 171 -7.45 -11.58 18.57
CA GLY A 171 -8.01 -12.93 18.51
C GLY A 171 -9.46 -13.01 18.93
N ASP A 172 -9.78 -12.43 20.09
CA ASP A 172 -11.16 -12.41 20.58
C ASP A 172 -12.09 -11.63 19.66
N ASN A 173 -11.58 -10.61 18.96
CA ASN A 173 -12.39 -9.89 17.99
C ASN A 173 -12.66 -10.72 16.75
N ILE A 174 -11.64 -11.39 16.24
CA ILE A 174 -11.79 -12.23 15.06
C ILE A 174 -12.79 -13.37 15.33
N ALA A 175 -12.74 -13.94 16.54
CA ALA A 175 -13.60 -15.05 16.96
C ALA A 175 -15.09 -14.76 16.81
N ARG A 176 -15.46 -13.49 16.85
CA ARG A 176 -16.86 -13.09 16.63
C ARG A 176 -17.31 -13.31 15.18
N GLY A 177 -16.34 -13.45 14.28
CA GLY A 177 -16.60 -13.63 12.86
C GLY A 177 -16.31 -12.35 12.11
N CYS A 178 -15.88 -12.49 10.86
CA CYS A 178 -15.64 -11.33 10.00
C CYS A 178 -15.72 -11.75 8.55
N HIS A 179 -16.25 -10.86 7.72
CA HIS A 179 -16.34 -11.11 6.29
C HIS A 179 -14.97 -10.88 5.71
N ILE A 180 -14.36 -9.77 6.09
CA ILE A 180 -13.10 -9.34 5.57
C ILE A 180 -12.06 -9.29 6.67
N LEU A 181 -11.01 -10.11 6.53
CA LEU A 181 -9.84 -10.05 7.38
C LEU A 181 -8.65 -9.42 6.63
N VAL A 182 -8.06 -8.39 7.23
CA VAL A 182 -6.89 -7.70 6.71
C VAL A 182 -5.71 -7.99 7.63
N ALA A 183 -4.61 -8.50 7.08
CA ALA A 183 -3.56 -9.07 7.90
C ALA A 183 -2.15 -8.89 7.37
N THR A 184 -1.20 -8.79 8.29
CA THR A 184 0.17 -9.08 7.98
C THR A 184 0.36 -10.58 8.13
N PRO A 185 1.25 -11.17 7.34
CA PRO A 185 1.34 -12.64 7.26
C PRO A 185 1.70 -13.33 8.57
N GLY A 186 2.65 -12.77 9.32
CA GLY A 186 3.06 -13.38 10.57
C GLY A 186 1.90 -13.58 11.54
N ARG A 187 1.15 -12.52 11.80
CA ARG A 187 0.05 -12.58 12.76
C ARG A 187 -1.10 -13.42 12.20
N LEU A 188 -1.34 -13.36 10.89
CA LEU A 188 -2.35 -14.21 10.25
C LEU A 188 -2.07 -15.71 10.48
N HIS A 189 -0.84 -16.14 10.22
CA HIS A 189 -0.53 -17.57 10.37
C HIS A 189 -0.57 -18.01 11.82
N ASP A 190 -0.27 -17.08 12.72
CA ASP A 190 -0.35 -17.33 14.15
C ASP A 190 -1.77 -17.79 14.50
N PHE A 191 -2.76 -17.02 14.05
CA PHE A 191 -4.15 -17.35 14.31
C PHE A 191 -4.62 -18.59 13.58
N VAL A 192 -4.08 -18.82 12.38
CA VAL A 192 -4.43 -20.01 11.64
C VAL A 192 -3.95 -21.24 12.40
N GLU A 193 -2.71 -21.22 12.86
CA GLU A 193 -2.12 -22.36 13.57
C GLU A 193 -2.75 -22.59 14.95
N ARG A 194 -3.38 -21.55 15.50
CA ARG A 194 -4.16 -21.69 16.73
C ARG A 194 -5.62 -22.14 16.50
N ASN A 195 -5.98 -22.41 15.24
CA ASN A 195 -7.37 -22.70 14.88
C ASN A 195 -8.35 -21.54 15.20
N ARG A 196 -7.85 -20.31 15.12
CA ARG A 196 -8.70 -19.12 15.30
C ARG A 196 -9.24 -18.63 13.95
N VAL A 197 -8.46 -18.84 12.89
CA VAL A 197 -8.87 -18.51 11.53
C VAL A 197 -8.69 -19.72 10.63
N SER A 198 -9.62 -19.89 9.68
CA SER A 198 -9.57 -20.96 8.69
C SER A 198 -9.98 -20.40 7.32
N PHE A 199 -9.44 -20.98 6.26
CA PHE A 199 -9.68 -20.44 4.92
C PHE A 199 -10.78 -21.17 4.16
N GLY A 200 -11.58 -21.96 4.88
CA GLY A 200 -12.62 -22.77 4.27
C GLY A 200 -13.81 -22.07 3.63
N SER A 201 -13.94 -20.75 3.84
CA SER A 201 -15.03 -19.96 3.23
C SER A 201 -14.51 -18.82 2.36
N VAL A 202 -13.24 -18.85 1.97
CA VAL A 202 -12.65 -17.72 1.28
C VAL A 202 -13.23 -17.59 -0.13
N ARG A 203 -13.64 -16.37 -0.46
CA ARG A 203 -14.09 -16.05 -1.82
C ARG A 203 -13.05 -15.21 -2.55
N PHE A 204 -12.32 -14.35 -1.82
CA PHE A 204 -11.32 -13.46 -2.41
C PHE A 204 -10.04 -13.47 -1.59
N VAL A 205 -8.90 -13.67 -2.26
CA VAL A 205 -7.59 -13.39 -1.68
C VAL A 205 -7.02 -12.15 -2.38
N VAL A 206 -6.45 -11.23 -1.63
CA VAL A 206 -5.83 -10.04 -2.22
C VAL A 206 -4.42 -9.88 -1.67
N LEU A 207 -3.43 -9.87 -2.57
CA LEU A 207 -2.10 -9.41 -2.23
C LEU A 207 -1.93 -7.97 -2.67
N ASP A 208 -1.83 -7.08 -1.70
CA ASP A 208 -1.41 -5.72 -1.96
C ASP A 208 0.11 -5.71 -1.87
N GLN A 209 0.78 -4.90 -2.70
CA GLN A 209 2.24 -4.96 -2.84
C GLN A 209 2.67 -6.36 -3.24
N ALA A 210 1.95 -6.94 -4.21
CA ALA A 210 2.04 -8.36 -4.49
C ALA A 210 3.44 -8.80 -4.91
N ASP A 211 4.18 -7.94 -5.61
CA ASP A 211 5.53 -8.27 -6.02
C ASP A 211 6.47 -8.44 -4.80
N CYS A 212 6.22 -7.65 -3.76
CA CYS A 212 6.89 -7.79 -2.46
C CYS A 212 6.49 -9.10 -1.78
N MET A 213 5.19 -9.41 -1.79
CA MET A 213 4.66 -10.61 -1.14
C MET A 213 5.16 -11.90 -1.78
N LEU A 214 5.53 -11.82 -3.06
CA LEU A 214 5.98 -12.98 -3.82
C LEU A 214 7.49 -13.16 -3.85
N ASP A 215 8.23 -12.20 -3.30
CA ASP A 215 9.68 -12.29 -3.30
C ASP A 215 10.11 -13.24 -2.18
N MET A 216 11.41 -13.52 -2.11
CA MET A 216 11.94 -14.59 -1.26
C MET A 216 11.50 -14.45 0.20
N GLY A 217 11.48 -13.22 0.70
CA GLY A 217 11.08 -12.93 2.07
C GLY A 217 9.67 -13.33 2.48
N PHE A 218 8.71 -13.18 1.58
CA PHE A 218 7.32 -13.47 1.92
C PHE A 218 6.72 -14.71 1.27
N MET A 219 7.36 -15.25 0.23
CA MET A 219 6.81 -16.36 -0.55
C MET A 219 6.42 -17.57 0.31
N PRO A 220 7.27 -17.98 1.27
CA PRO A 220 6.90 -19.08 2.14
C PRO A 220 5.60 -18.80 2.90
N SER A 221 5.46 -17.59 3.42
CA SER A 221 4.24 -17.25 4.14
C SER A 221 3.03 -17.24 3.19
N ILE A 222 3.23 -16.81 1.94
CA ILE A 222 2.15 -16.82 0.95
C ILE A 222 1.71 -18.23 0.58
N GLU A 223 2.68 -19.12 0.42
CA GLU A 223 2.39 -20.54 0.18
C GLU A 223 1.57 -21.14 1.31
N LYS A 224 1.94 -20.87 2.56
CA LYS A 224 1.20 -21.40 3.72
C LYS A 224 -0.25 -20.94 3.76
N MET A 225 -0.57 -19.85 3.08
CA MET A 225 -1.95 -19.42 2.95
C MET A 225 -2.56 -20.09 1.72
N MET A 226 -1.97 -19.79 0.57
CA MET A 226 -2.53 -20.23 -0.70
C MET A 226 -2.70 -21.73 -0.79
N LEU A 227 -1.78 -22.49 -0.18
CA LEU A 227 -1.81 -23.93 -0.26
C LEU A 227 -2.24 -24.57 1.04
N HIS A 228 -2.86 -23.79 1.93
CA HIS A 228 -3.26 -24.31 3.23
C HIS A 228 -4.33 -25.35 3.00
N PRO A 229 -4.33 -26.43 3.80
CA PRO A 229 -5.34 -27.47 3.63
C PRO A 229 -6.80 -27.00 3.73
N THR A 230 -7.04 -25.93 4.48
CA THR A 230 -8.38 -25.40 4.65
C THR A 230 -8.76 -24.45 3.51
N MET A 231 -7.78 -24.00 2.72
CA MET A 231 -8.03 -23.02 1.67
C MET A 231 -8.80 -23.66 0.53
N VAL A 232 -9.86 -22.99 0.10
CA VAL A 232 -10.62 -23.44 -1.07
C VAL A 232 -9.77 -23.22 -2.33
N GLU A 233 -9.84 -24.18 -3.24
CA GLU A 233 -8.95 -24.22 -4.41
C GLU A 233 -9.17 -23.06 -5.38
N THR A 234 -8.14 -22.78 -6.20
CA THR A 234 -8.10 -21.60 -7.07
C THR A 234 -9.26 -21.51 -8.05
N THR A 235 -9.75 -22.66 -8.52
CA THR A 235 -10.85 -22.67 -9.48
C THR A 235 -12.20 -22.28 -8.85
N LYS A 236 -12.27 -22.18 -7.52
CA LYS A 236 -13.53 -21.90 -6.84
C LYS A 236 -13.48 -20.63 -6.00
N ARG A 237 -12.48 -19.79 -6.25
CA ARG A 237 -12.31 -18.51 -5.56
C ARG A 237 -11.55 -17.52 -6.45
N GLN A 238 -11.57 -16.25 -6.06
CA GLN A 238 -10.85 -15.22 -6.80
C GLN A 238 -9.56 -14.81 -6.08
N THR A 239 -8.52 -14.59 -6.87
CA THR A 239 -7.25 -14.09 -6.37
C THR A 239 -6.90 -12.81 -7.12
N LEU A 240 -6.45 -11.80 -6.36
CA LEU A 240 -6.20 -10.47 -6.90
C LEU A 240 -4.85 -10.02 -6.37
N MET A 241 -4.07 -9.39 -7.23
CA MET A 241 -2.73 -8.96 -6.86
C MET A 241 -2.47 -7.59 -7.43
N PHE A 242 -2.14 -6.63 -6.57
CA PHE A 242 -1.87 -5.26 -6.99
C PHE A 242 -0.51 -4.76 -6.55
N SER A 243 0.10 -3.96 -7.41
CA SER A 243 1.32 -3.25 -7.05
C SER A 243 1.57 -2.16 -8.09
N ALA A 244 2.48 -1.25 -7.79
CA ALA A 244 3.00 -0.34 -8.81
C ALA A 244 4.16 -0.96 -9.56
N THR A 245 4.84 -1.92 -8.93
CA THR A 245 6.05 -2.54 -9.49
C THR A 245 5.79 -4.02 -9.65
N PHE A 246 6.42 -4.64 -10.65
CA PHE A 246 6.15 -6.04 -10.93
C PHE A 246 7.13 -6.62 -11.97
N PRO A 247 8.36 -6.90 -11.53
CA PRO A 247 9.36 -7.55 -12.41
C PRO A 247 8.81 -8.80 -13.10
N GLU A 248 9.27 -9.07 -14.32
CA GLU A 248 8.77 -10.24 -15.07
C GLU A 248 8.98 -11.57 -14.36
N ASP A 249 10.11 -11.73 -13.69
CA ASP A 249 10.38 -12.97 -12.93
C ASP A 249 9.37 -13.15 -11.79
N ILE A 250 8.93 -12.04 -11.19
CA ILE A 250 7.94 -12.10 -10.10
C ILE A 250 6.53 -12.34 -10.68
N GLN A 251 6.24 -11.71 -11.81
CA GLN A 251 5.00 -11.99 -12.56
C GLN A 251 4.83 -13.49 -12.84
N HIS A 252 5.93 -14.18 -13.18
CA HIS A 252 5.88 -15.62 -13.41
C HIS A 252 5.44 -16.38 -12.18
N LEU A 253 6.04 -16.07 -11.04
CA LEU A 253 5.74 -16.73 -9.76
C LEU A 253 4.29 -16.53 -9.34
N ALA A 254 3.74 -15.36 -9.64
CA ALA A 254 2.34 -15.06 -9.33
C ALA A 254 1.38 -16.09 -9.93
N GLY A 255 1.72 -16.57 -11.13
CA GLY A 255 0.85 -17.48 -11.90
C GLY A 255 0.55 -18.84 -11.28
N ARG A 256 1.33 -19.24 -10.29
CA ARG A 256 1.04 -20.44 -9.51
C ARG A 256 -0.28 -20.30 -8.76
N PHE A 257 -0.58 -19.08 -8.33
CA PHE A 257 -1.75 -18.80 -7.49
C PHE A 257 -2.90 -18.14 -8.24
N LEU A 258 -2.76 -18.01 -9.57
CA LEU A 258 -3.74 -17.33 -10.39
C LEU A 258 -4.39 -18.32 -11.35
N ASN A 259 -5.67 -18.07 -11.63
CA ASN A 259 -6.47 -18.91 -12.52
C ASN A 259 -6.91 -18.09 -13.73
N ASN A 260 -6.41 -18.45 -14.92
CA ASN A 260 -6.83 -17.81 -16.18
C ASN A 260 -7.08 -16.31 -16.01
N TYR A 261 -6.02 -15.58 -15.75
CA TYR A 261 -6.12 -14.24 -15.21
C TYR A 261 -5.87 -13.14 -16.23
N LEU A 262 -6.42 -11.97 -15.92
CA LEU A 262 -6.18 -10.77 -16.69
C LEU A 262 -5.08 -9.95 -16.05
N PHE A 263 -4.21 -9.39 -16.88
CA PHE A 263 -3.11 -8.56 -16.45
C PHE A 263 -3.40 -7.14 -16.94
N VAL A 264 -3.67 -6.23 -16.01
CA VAL A 264 -3.93 -4.84 -16.36
C VAL A 264 -2.71 -4.03 -15.92
N ALA A 265 -2.07 -3.37 -16.88
CA ALA A 265 -0.91 -2.51 -16.58
C ALA A 265 -1.20 -1.10 -17.08
N VAL A 266 -1.29 -0.13 -16.17
CA VAL A 266 -1.53 1.26 -16.55
C VAL A 266 -0.18 1.96 -16.71
N GLY A 267 0.19 2.26 -17.95
CA GLY A 267 1.50 2.81 -18.22
C GLY A 267 2.57 1.74 -18.09
N ILE A 268 3.82 2.18 -18.08
CA ILE A 268 4.96 1.27 -18.04
C ILE A 268 5.03 0.58 -16.69
N VAL A 269 5.22 -0.73 -16.72
CA VAL A 269 5.26 -1.50 -15.48
C VAL A 269 6.42 -1.01 -14.63
N GLY A 270 6.14 -0.67 -13.37
CA GLY A 270 7.18 -0.24 -12.45
C GLY A 270 7.63 1.20 -12.62
N GLY A 271 6.93 1.95 -13.46
CA GLY A 271 7.28 3.34 -13.70
C GLY A 271 6.99 4.24 -12.51
N ALA A 272 7.79 5.29 -12.37
CA ALA A 272 7.55 6.32 -11.37
C ALA A 272 6.37 7.22 -11.78
N SER A 273 5.64 7.68 -10.77
CA SER A 273 4.62 8.71 -10.96
C SER A 273 5.27 9.92 -11.59
N THR A 274 4.66 10.45 -12.65
CA THR A 274 5.16 11.64 -13.32
C THR A 274 4.85 12.91 -12.55
N ASP A 275 4.05 12.79 -11.51
CA ASP A 275 3.76 13.93 -10.64
C ASP A 275 4.83 14.18 -9.58
N VAL A 276 5.87 13.35 -9.55
CA VAL A 276 7.00 13.57 -8.66
C VAL A 276 8.22 14.10 -9.40
N GLU A 277 8.63 15.32 -9.05
CA GLU A 277 9.89 15.89 -9.53
C GLU A 277 11.05 15.18 -8.82
N GLN A 278 11.93 14.53 -9.59
CA GLN A 278 13.02 13.74 -9.04
C GLN A 278 14.36 14.45 -9.17
N ILE A 279 14.94 14.81 -8.05
CA ILE A 279 16.20 15.54 -7.99
C ILE A 279 17.25 14.66 -7.30
N PHE A 280 18.51 14.90 -7.65
CA PHE A 280 19.62 14.18 -7.06
C PHE A 280 20.73 15.11 -6.64
N ILE A 281 21.40 14.75 -5.56
CA ILE A 281 22.58 15.45 -5.07
C ILE A 281 23.69 14.41 -4.93
N GLU A 282 24.84 14.70 -5.51
CA GLU A 282 25.99 13.80 -5.43
C GLU A 282 26.76 14.12 -4.15
N VAL A 283 26.93 13.14 -3.27
CA VAL A 283 27.55 13.35 -1.95
C VAL A 283 28.25 12.11 -1.39
N THR A 284 29.37 12.33 -0.70
CA THR A 284 30.04 11.26 0.04
C THR A 284 29.19 10.87 1.25
N LYS A 285 29.39 9.65 1.72
CA LYS A 285 28.73 9.14 2.95
C LYS A 285 28.86 10.13 4.11
N TYR A 286 30.05 10.72 4.28
CA TYR A 286 30.30 11.80 5.26
C TYR A 286 29.37 13.00 5.11
N GLU A 287 29.29 13.51 3.88
CA GLU A 287 28.58 14.75 3.53
C GLU A 287 27.07 14.70 3.71
N LYS A 288 26.50 13.50 3.75
CA LYS A 288 25.03 13.34 3.78
C LYS A 288 24.35 14.10 4.92
N ARG A 289 24.96 14.06 6.11
CA ARG A 289 24.39 14.71 7.30
C ARG A 289 24.22 16.20 7.06
N ASN A 290 25.30 16.83 6.61
CA ASN A 290 25.31 18.26 6.35
C ASN A 290 24.31 18.63 5.24
N SER A 291 24.24 17.79 4.21
CA SER A 291 23.33 17.98 3.08
C SER A 291 21.86 17.85 3.47
N LEU A 292 21.56 16.96 4.42
CA LEU A 292 20.20 16.82 4.90
C LEU A 292 19.82 18.04 5.71
N LYS A 293 20.69 18.45 6.63
CA LYS A 293 20.47 19.66 7.42
C LYS A 293 20.16 20.81 6.49
N GLN A 294 21.00 20.97 5.46
CA GLN A 294 20.83 22.07 4.50
C GLN A 294 19.49 22.01 3.79
N LEU A 295 19.07 20.82 3.40
CA LEU A 295 17.80 20.67 2.68
C LEU A 295 16.58 21.02 3.54
N ILE A 296 16.61 20.63 4.82
CA ILE A 296 15.55 20.97 5.77
C ILE A 296 15.58 22.47 6.09
N GLU A 297 16.77 23.06 6.19
CA GLU A 297 16.88 24.50 6.43
C GLU A 297 16.30 25.31 5.26
N GLU A 298 16.48 24.83 4.05
CA GLU A 298 15.94 25.48 2.86
C GLU A 298 14.45 25.19 2.62
N ASN A 299 13.80 24.42 3.51
CA ASN A 299 12.41 24.00 3.33
C ASN A 299 11.58 24.08 4.61
N ASP A 300 11.68 25.19 5.34
CA ASP A 300 10.92 25.34 6.60
C ASP A 300 9.42 25.27 6.33
N GLY A 301 8.70 24.57 7.21
CA GLY A 301 7.24 24.43 7.12
C GLY A 301 6.75 23.42 6.10
N LYS A 302 7.64 22.55 5.62
CA LYS A 302 7.26 21.50 4.68
C LYS A 302 7.23 20.17 5.42
N ARG A 303 6.30 19.30 5.00
CA ARG A 303 6.25 17.95 5.54
C ARG A 303 7.27 17.09 4.74
N ILE A 304 8.27 16.56 5.44
CA ILE A 304 9.38 15.86 4.79
C ILE A 304 9.48 14.43 5.31
N LEU A 305 9.60 13.49 4.38
CA LEU A 305 9.73 12.06 4.73
C LEU A 305 11.12 11.65 4.32
N VAL A 306 11.90 11.18 5.29
CA VAL A 306 13.31 10.90 5.08
C VAL A 306 13.56 9.39 5.17
N PHE A 307 13.87 8.76 4.05
CA PHE A 307 14.21 7.34 4.04
C PHE A 307 15.69 7.09 4.30
N VAL A 308 15.96 6.10 5.15
CA VAL A 308 17.32 5.64 5.43
C VAL A 308 17.38 4.13 5.25
N GLU A 309 18.59 3.57 5.13
CA GLU A 309 18.74 2.11 4.98
C GLU A 309 18.52 1.41 6.33
N THR A 310 19.34 1.73 7.34
CA THR A 310 19.32 0.95 8.58
C THR A 310 18.44 1.56 9.67
N LYS A 311 18.01 0.70 10.58
CA LYS A 311 17.24 1.13 11.74
C LYS A 311 18.16 1.95 12.65
N ARG A 312 19.42 1.53 12.71
CA ARG A 312 20.49 2.29 13.37
C ARG A 312 20.54 3.74 12.88
N ASN A 313 20.70 3.94 11.57
CA ASN A 313 20.75 5.29 10.98
C ASN A 313 19.44 6.07 11.15
N ALA A 314 18.30 5.37 11.15
CA ALA A 314 17.02 6.00 11.44
C ALA A 314 17.04 6.63 12.83
N ASP A 315 17.36 5.85 13.84
CA ASP A 315 17.51 6.37 15.19
C ASP A 315 18.51 7.52 15.25
N PHE A 316 19.62 7.41 14.51
CA PHE A 316 20.66 8.43 14.55
C PHE A 316 20.17 9.76 13.96
N ILE A 317 19.48 9.68 12.83
CA ILE A 317 19.04 10.87 12.11
C ILE A 317 17.96 11.56 12.92
N ALA A 318 17.01 10.81 13.47
CA ALA A 318 15.97 11.38 14.35
C ALA A 318 16.58 12.14 15.53
N ALA A 319 17.56 11.52 16.19
CA ALA A 319 18.32 12.15 17.27
C ALA A 319 18.99 13.43 16.80
N MET A 320 19.66 13.38 15.64
CA MET A 320 20.36 14.53 15.08
C MET A 320 19.41 15.70 14.84
N LEU A 321 18.29 15.43 14.20
CA LEU A 321 17.31 16.46 13.90
C LEU A 321 16.62 16.94 15.17
N SER A 322 16.31 16.03 16.09
CA SER A 322 15.67 16.41 17.36
C SER A 322 16.55 17.33 18.21
N GLU A 323 17.83 16.98 18.38
CA GLU A 323 18.77 17.85 19.12
C GLU A 323 19.01 19.20 18.45
N GLN A 324 18.65 19.29 17.17
CA GLN A 324 18.66 20.54 16.44
C GLN A 324 17.43 21.38 16.81
N GLN A 325 16.48 20.72 17.49
CA GLN A 325 15.23 21.30 17.97
C GLN A 325 14.15 21.24 16.89
N LEU A 326 14.28 20.28 15.97
CA LEU A 326 13.26 20.05 14.94
C LEU A 326 12.37 18.89 15.37
N LEU A 327 11.05 19.10 15.33
CA LEU A 327 10.09 18.08 15.72
C LEU A 327 10.09 16.93 14.72
N THR A 328 10.63 15.80 15.15
CA THR A 328 10.90 14.69 14.29
C THR A 328 10.30 13.42 14.87
N SER A 329 9.64 12.65 14.02
CA SER A 329 9.22 11.31 14.38
C SER A 329 10.09 10.30 13.65
N SER A 330 10.13 9.09 14.19
CA SER A 330 10.93 8.00 13.64
CA SER A 330 10.90 8.01 13.59
C SER A 330 10.03 6.78 13.52
N ILE A 331 10.18 6.01 12.46
CA ILE A 331 9.43 4.76 12.32
C ILE A 331 10.32 3.68 11.70
N HIS A 332 10.46 2.58 12.42
CA HIS A 332 11.20 1.42 11.96
C HIS A 332 10.95 0.20 12.84
N GLY A 333 11.50 -0.94 12.43
CA GLY A 333 11.20 -2.24 13.05
C GLY A 333 11.68 -2.51 14.47
N ASP A 334 12.64 -1.72 14.94
CA ASP A 334 13.07 -1.78 16.33
C ASP A 334 12.32 -0.83 17.27
N ARG A 335 11.28 -0.16 16.78
CA ARG A 335 10.48 0.69 17.67
C ARG A 335 9.28 -0.10 18.13
N MET A 336 8.75 0.23 19.30
CA MET A 336 7.52 -0.39 19.78
C MET A 336 6.38 -0.10 18.82
N GLN A 337 5.40 -0.98 18.72
CA GLN A 337 4.33 -0.79 17.73
C GLN A 337 3.52 0.49 18.00
N ARG A 338 3.17 0.73 19.24
CA ARG A 338 2.51 1.94 19.66
C ARG A 338 3.26 3.16 19.14
N GLU A 339 4.58 3.19 19.36
CA GLU A 339 5.42 4.30 18.94
C GLU A 339 5.36 4.47 17.42
N ARG A 340 5.38 3.36 16.69
CA ARG A 340 5.28 3.39 15.21
C ARG A 340 3.96 4.00 14.72
N GLU A 341 2.87 3.69 15.41
CA GLU A 341 1.55 4.19 15.03
C GLU A 341 1.41 5.64 15.43
N GLU A 342 2.03 6.02 16.54
CA GLU A 342 2.07 7.40 17.00
C GLU A 342 2.94 8.28 16.11
N ALA A 343 4.12 7.79 15.71
CA ALA A 343 4.99 8.51 14.76
C ALA A 343 4.25 8.79 13.46
N LEU A 344 3.58 7.78 12.90
CA LEU A 344 2.82 7.96 11.69
C LEU A 344 1.70 8.98 11.88
N GLN A 345 0.99 8.91 13.00
CA GLN A 345 -0.09 9.85 13.31
C GLN A 345 0.43 11.27 13.54
N ASN A 346 1.54 11.42 14.26
CA ASN A 346 2.17 12.72 14.45
C ASN A 346 2.60 13.36 13.12
N PHE A 347 3.06 12.52 12.20
CA PHE A 347 3.48 12.97 10.87
C PHE A 347 2.29 13.35 9.98
N LYS A 348 1.26 12.51 9.96
CA LYS A 348 0.01 12.87 9.27
C LYS A 348 -0.62 14.13 9.85
N SER A 349 -0.82 14.16 11.16
CA SER A 349 -1.48 15.32 11.79
C SER A 349 -0.74 16.64 11.57
N GLY A 350 0.58 16.57 11.44
CA GLY A 350 1.40 17.76 11.29
C GLY A 350 2.09 18.15 12.58
N LYS A 351 1.70 17.51 13.68
CA LYS A 351 2.39 17.72 14.94
C LYS A 351 3.90 17.68 14.69
N HIS A 352 4.37 16.62 14.02
CA HIS A 352 5.76 16.55 13.55
C HIS A 352 5.82 16.66 12.02
N CYS A 353 6.66 17.56 11.53
CA CYS A 353 6.78 17.79 10.08
C CYS A 353 7.83 16.90 9.41
N ILE A 354 8.63 16.22 10.23
CA ILE A 354 9.66 15.32 9.73
C ILE A 354 9.41 13.92 10.28
N LEU A 355 9.52 12.93 9.39
CA LEU A 355 9.45 11.53 9.77
C LEU A 355 10.64 10.84 9.14
N VAL A 356 11.47 10.21 9.98
CA VAL A 356 12.58 9.38 9.50
C VAL A 356 12.12 7.94 9.47
N ALA A 357 12.33 7.26 8.35
CA ALA A 357 11.82 5.90 8.20
C ALA A 357 12.80 5.01 7.49
N THR A 358 12.77 3.74 7.87
CA THR A 358 13.36 2.70 7.06
C THR A 358 12.36 2.35 5.93
N ALA A 359 12.72 1.33 5.15
CA ALA A 359 11.84 0.79 4.12
C ALA A 359 10.45 0.38 4.63
N VAL A 360 10.27 0.30 5.95
CA VAL A 360 8.95 -0.03 6.54
C VAL A 360 7.83 0.91 6.05
N ALA A 361 8.18 2.14 5.69
CA ALA A 361 7.21 3.10 5.17
C ALA A 361 7.32 3.35 3.66
N ALA A 362 8.00 2.47 2.94
CA ALA A 362 8.27 2.70 1.52
C ALA A 362 7.04 2.46 0.66
N ARG A 363 6.23 1.48 1.02
CA ARG A 363 5.10 1.06 0.21
C ARG A 363 3.73 1.40 0.84
N GLY A 364 2.82 1.88 0.01
CA GLY A 364 1.40 1.86 0.34
C GLY A 364 0.87 3.02 1.15
N LEU A 365 1.67 3.53 2.06
CA LEU A 365 1.20 4.54 3.01
C LEU A 365 0.72 5.79 2.29
N ASP A 366 -0.46 6.25 2.73
CA ASP A 366 -1.18 7.32 2.08
C ASP A 366 -1.27 8.45 3.09
N ILE A 367 -0.36 9.40 2.92
CA ILE A 367 -0.17 10.49 3.84
C ILE A 367 -0.42 11.76 3.05
N LYS A 368 -1.38 12.56 3.52
CA LYS A 368 -1.68 13.83 2.90
C LYS A 368 -0.52 14.81 2.93
N ASN A 369 -0.26 15.45 1.80
CA ASN A 369 0.65 16.59 1.72
C ASN A 369 2.08 16.31 2.19
N VAL A 370 2.67 15.21 1.72
CA VAL A 370 4.10 15.05 1.81
C VAL A 370 4.65 15.96 0.72
N ASP A 371 5.50 16.89 1.12
CA ASP A 371 6.00 17.88 0.19
C ASP A 371 7.26 17.32 -0.47
N ILE A 372 8.15 16.75 0.35
CA ILE A 372 9.42 16.22 -0.10
C ILE A 372 9.66 14.82 0.47
N VAL A 373 10.02 13.87 -0.39
CA VAL A 373 10.57 12.60 0.02
C VAL A 373 12.07 12.72 -0.17
N VAL A 374 12.81 12.46 0.90
CA VAL A 374 14.25 12.47 0.84
C VAL A 374 14.77 11.04 0.99
N ASN A 375 15.52 10.58 0.00
CA ASN A 375 16.28 9.34 0.12
C ASN A 375 17.67 9.69 0.61
N TYR A 376 17.84 9.72 1.94
CA TYR A 376 19.13 9.97 2.55
C TYR A 376 20.10 8.86 2.12
N ASP A 377 19.63 7.63 2.20
CA ASP A 377 20.27 6.47 1.56
C ASP A 377 19.33 6.02 0.46
N LEU A 378 19.88 5.79 -0.74
CA LEU A 378 19.14 5.18 -1.83
C LEU A 378 18.96 3.68 -1.52
N PRO A 379 17.87 3.10 -2.01
CA PRO A 379 17.68 1.66 -1.80
C PRO A 379 18.47 0.84 -2.83
N LYS A 380 18.61 -0.46 -2.58
CA LYS A 380 19.32 -1.35 -3.48
C LYS A 380 18.43 -1.78 -4.66
N SER A 381 17.12 -1.72 -4.50
CA SER A 381 16.18 -2.07 -5.55
C SER A 381 15.50 -0.83 -6.16
N ILE A 382 15.49 -0.73 -7.49
CA ILE A 382 14.81 0.37 -8.15
C ILE A 382 13.30 0.35 -7.87
N ASP A 383 12.74 -0.85 -7.65
CA ASP A 383 11.32 -0.97 -7.43
C ASP A 383 10.95 -0.35 -6.09
N GLU A 384 11.85 -0.45 -5.12
CA GLU A 384 11.63 0.17 -3.82
C GLU A 384 11.81 1.68 -3.89
N TYR A 385 12.75 2.15 -4.70
CA TYR A 385 12.89 3.59 -4.95
C TYR A 385 11.57 4.16 -5.53
N VAL A 386 11.03 3.49 -6.53
CA VAL A 386 9.77 3.97 -7.15
C VAL A 386 8.66 4.14 -6.10
N HIS A 387 8.50 3.16 -5.21
CA HIS A 387 7.50 3.22 -4.15
C HIS A 387 7.78 4.33 -3.17
N ARG A 388 9.05 4.46 -2.78
CA ARG A 388 9.45 5.53 -1.84
C ARG A 388 9.04 6.94 -2.27
N ILE A 389 9.43 7.30 -3.48
CA ILE A 389 9.16 8.63 -3.99
C ILE A 389 7.67 8.80 -4.26
N GLY A 390 6.97 7.67 -4.41
CA GLY A 390 5.53 7.67 -4.54
C GLY A 390 4.78 8.04 -3.26
N ARG A 391 5.50 8.21 -2.14
CA ARG A 391 4.83 8.66 -0.92
C ARG A 391 4.38 10.11 -1.08
N THR A 392 4.98 10.80 -2.06
CA THR A 392 4.52 12.10 -2.49
C THR A 392 3.94 12.07 -3.90
N GLY A 393 3.35 13.18 -4.32
CA GLY A 393 2.82 13.28 -5.68
C GLY A 393 1.63 12.38 -5.98
N ARG A 394 0.68 12.26 -5.05
CA ARG A 394 -0.42 11.30 -5.21
C ARG A 394 -1.73 11.93 -5.68
N VAL A 395 -2.56 11.13 -6.35
CA VAL A 395 -3.90 11.56 -6.80
C VAL A 395 -3.85 12.85 -7.62
N GLY A 396 -2.82 13.00 -8.44
CA GLY A 396 -2.68 14.19 -9.28
C GLY A 396 -2.08 15.42 -8.61
N ASN A 397 -1.74 15.33 -7.32
CA ASN A 397 -0.98 16.40 -6.68
C ASN A 397 0.51 16.27 -7.02
N ARG A 398 1.22 17.37 -7.03
CA ARG A 398 2.64 17.33 -7.36
C ARG A 398 3.48 17.30 -6.11
N GLY A 399 4.59 16.59 -6.17
CA GLY A 399 5.51 16.52 -5.08
C GLY A 399 6.94 16.45 -5.58
N LYS A 400 7.86 16.44 -4.64
CA LYS A 400 9.28 16.53 -4.91
C LYS A 400 9.99 15.37 -4.23
N ALA A 401 10.94 14.74 -4.93
CA ALA A 401 11.86 13.79 -4.30
C ALA A 401 13.29 14.26 -4.49
N VAL A 402 14.05 14.28 -3.40
CA VAL A 402 15.47 14.60 -3.43
C VAL A 402 16.25 13.37 -2.91
N SER A 403 17.06 12.78 -3.78
CA SER A 403 17.81 11.57 -3.38
C SER A 403 19.29 11.83 -3.35
N PHE A 404 19.95 11.39 -2.27
CA PHE A 404 21.39 11.53 -2.14
C PHE A 404 22.11 10.36 -2.81
N TYR A 405 22.94 10.63 -3.81
CA TYR A 405 23.68 9.59 -4.53
C TYR A 405 25.13 9.53 -4.07
N ASP A 406 25.55 8.34 -3.66
CA ASP A 406 26.92 8.06 -3.24
C ASP A 406 27.41 6.89 -4.10
N SER A 407 28.37 7.15 -4.98
CA SER A 407 28.81 6.15 -5.95
C SER A 407 29.46 4.92 -5.30
N ASP A 408 30.09 5.10 -4.14
CA ASP A 408 30.64 3.97 -3.39
C ASP A 408 29.57 2.97 -2.91
N GLN A 409 28.34 3.43 -2.78
CA GLN A 409 27.24 2.59 -2.38
C GLN A 409 26.23 2.31 -3.50
N ASP A 410 25.97 3.28 -4.36
CA ASP A 410 24.79 3.23 -5.24
C ASP A 410 25.08 3.03 -6.73
N LEU A 411 26.33 2.74 -7.08
CA LEU A 411 26.74 2.67 -8.49
C LEU A 411 25.88 1.68 -9.27
N ALA A 412 25.61 0.54 -8.65
CA ALA A 412 24.78 -0.52 -9.25
C ALA A 412 23.38 -0.08 -9.68
N LEU A 413 22.87 0.98 -9.06
CA LEU A 413 21.51 1.45 -9.33
C LEU A 413 21.39 2.36 -10.57
N VAL A 414 22.51 2.96 -10.98
CA VAL A 414 22.55 4.03 -12.00
C VAL A 414 21.78 3.72 -13.30
N ALA A 415 21.87 2.50 -13.79
CA ALA A 415 21.23 2.14 -15.06
C ALA A 415 19.70 2.12 -14.92
N ASP A 416 19.23 1.59 -13.80
CA ASP A 416 17.78 1.58 -13.51
C ASP A 416 17.26 2.97 -13.14
N LEU A 417 18.03 3.75 -12.40
CA LEU A 417 17.62 5.13 -12.12
C LEU A 417 17.44 5.88 -13.40
N SER A 418 18.47 5.89 -14.25
CA SER A 418 18.41 6.65 -15.49
C SER A 418 17.18 6.31 -16.33
N LYS A 419 16.87 5.01 -16.45
CA LYS A 419 15.67 4.55 -17.18
C LYS A 419 14.38 5.06 -16.51
N ILE A 420 14.36 5.04 -15.19
CA ILE A 420 13.17 5.52 -14.48
C ILE A 420 13.02 7.00 -14.75
N LEU A 421 14.12 7.74 -14.68
CA LEU A 421 14.08 9.17 -14.89
C LEU A 421 13.57 9.55 -16.27
N ARG A 422 14.12 8.92 -17.30
CA ARG A 422 13.74 9.22 -18.68
C ARG A 422 12.28 8.86 -18.95
N GLN A 423 11.85 7.68 -18.52
CA GLN A 423 10.44 7.27 -18.61
C GLN A 423 9.49 8.33 -18.04
N ALA A 424 9.93 9.03 -16.99
CA ALA A 424 9.10 10.01 -16.28
C ALA A 424 9.36 11.45 -16.70
N ASP A 425 10.16 11.65 -17.75
CA ASP A 425 10.54 12.97 -18.26
C ASP A 425 11.35 13.79 -17.26
N GLN A 426 12.21 13.14 -16.49
CA GLN A 426 13.06 13.86 -15.54
C GLN A 426 14.46 14.02 -16.13
N SER A 427 15.09 15.16 -15.84
CA SER A 427 16.46 15.42 -16.29
C SER A 427 17.40 14.40 -15.62
N VAL A 428 18.45 14.01 -16.32
CA VAL A 428 19.37 13.00 -15.80
C VAL A 428 20.73 13.66 -15.53
N PRO A 429 21.09 13.84 -14.25
CA PRO A 429 22.39 14.49 -13.95
C PRO A 429 23.58 13.75 -14.55
N ASP A 430 24.66 14.48 -14.83
CA ASP A 430 25.83 13.90 -15.50
C ASP A 430 26.41 12.68 -14.78
N PHE A 431 26.23 12.62 -13.46
CA PHE A 431 26.78 11.52 -12.66
C PHE A 431 25.92 10.25 -12.64
N LEU A 432 24.78 10.27 -13.34
CA LEU A 432 24.00 9.06 -13.55
C LEU A 432 23.95 8.70 -15.04
N LYS A 433 24.91 9.17 -15.82
CA LYS A 433 24.94 8.92 -17.27
C LYS A 433 26.07 7.95 -17.62
PB ADP C . -2.23 3.36 -4.67
O1B ADP C . -0.92 4.02 -4.31
O2B ADP C . -2.54 2.14 -3.89
O3B ADP C . -2.39 3.23 -6.16
PA ADP C . -4.24 4.38 -2.92
O1A ADP C . -5.25 3.29 -3.09
O2A ADP C . -3.34 4.44 -1.71
O3A ADP C . -3.30 4.48 -4.23
O5' ADP C . -5.07 5.74 -3.07
C5' ADP C . -4.41 6.99 -3.17
C4' ADP C . -5.38 8.08 -2.70
O4' ADP C . -6.29 8.30 -3.77
C3' ADP C . -6.21 7.72 -1.49
O3' ADP C . -6.21 8.80 -0.54
C2' ADP C . -7.61 7.47 -2.01
O2' ADP C . -8.60 7.86 -1.06
C1' ADP C . -7.63 8.35 -3.27
N9 ADP C . -8.49 7.89 -4.38
C8 ADP C . -8.56 6.63 -4.83
N7 ADP C . -9.41 6.54 -5.88
C5 ADP C . -9.88 7.77 -6.12
C6 ADP C . -10.79 8.37 -7.09
N6 ADP C . -11.40 7.60 -8.03
N1 ADP C . -11.03 9.71 -7.01
C2 ADP C . -10.42 10.48 -6.08
N3 ADP C . -9.56 9.98 -5.17
C4 ADP C . -9.26 8.67 -5.13
P PO4 D . 1.55 2.20 -3.52
O1 PO4 D . 1.55 1.86 -4.99
O2 PO4 D . 0.64 1.28 -2.75
O3 PO4 D . 1.05 3.63 -3.36
O4 PO4 D . 2.98 2.09 -3.03
MG MG E . -1.36 0.69 -2.77
#